data_5OOK
#
_entry.id   5OOK
#
_cell.length_a   152.806
_cell.length_b   152.806
_cell.length_c   39.312
_cell.angle_alpha   90.00
_cell.angle_beta   90.00
_cell.angle_gamma   120.00
#
_symmetry.space_group_name_H-M   'P 63'
#
loop_
_entity.id
_entity.type
_entity.pdbx_description
1 polymer 'Phycocyanin, alpha subunit'
2 polymer 'Phycocyanin, beta subunit'
3 non-polymer PHYCOCYANOBILIN
4 non-polymer DI(HYDROXYETHYL)ETHER
5 water water
#
loop_
_entity_poly.entity_id
_entity_poly.type
_entity_poly.pdbx_seq_one_letter_code
_entity_poly.pdbx_strand_id
1 'polypeptide(L)'
;MQTPLIEAVSSADSQGRFLSSTELQVAFGRFRQAAASLDAAKTLNSKADSLADGAANAVYQKFPYTTQMTGSNYASTPEG
KAKCVRDIGYYLRIISYCLIAGGTGPLDDYLINGLAEINRTFDLSPSWYVEALKHIKANHGLSGDSAVEANSYIDYAINA
LS
;
A
2 'polypeptide(L)'
;MLDAFTKVVSQADTRGAYVSDAEVDALKAMVADANKRIDAVNRITGNASTIVANAARALFADQPQLCAPGGNAYTSRRMA
ACLRDMEIILRYVTYAVYTGDASVLNDRCLNGLRETYSALGVPGGSVAAGVQKMKEAAIEIANDPKGITQGDCSNLMAEI
GSYFDLASSAVG
;
B
#
# COMPACT_ATOMS: atom_id res chain seq x y z
N MET A 1 5.42 3.59 0.52
CA MET A 1 5.30 4.06 -0.89
C MET A 1 3.96 4.74 -1.08
N GLN A 2 4.02 6.02 -1.45
CA GLN A 2 2.86 6.88 -1.43
CA GLN A 2 2.87 6.96 -1.56
C GLN A 2 1.70 6.53 -2.43
N THR A 3 0.56 6.26 -1.82
CA THR A 3 -0.72 6.18 -2.49
C THR A 3 -1.63 7.06 -1.65
N PRO A 4 -2.82 7.41 -2.15
CA PRO A 4 -3.76 8.16 -1.31
C PRO A 4 -3.99 7.49 0.07
N LEU A 5 -4.06 6.16 0.11
CA LEU A 5 -4.32 5.45 1.35
C LEU A 5 -3.15 5.56 2.34
N ILE A 6 -1.94 5.40 1.83
CA ILE A 6 -0.75 5.42 2.67
C ILE A 6 -0.44 6.82 3.17
N GLU A 7 -0.66 7.82 2.33
CA GLU A 7 -0.55 9.22 2.77
C GLU A 7 -1.47 9.49 3.98
N ALA A 8 -2.71 9.05 3.92
CA ALA A 8 -3.63 9.25 5.04
C ALA A 8 -3.18 8.54 6.33
N VAL A 9 -2.79 7.27 6.22
CA VAL A 9 -2.29 6.54 7.39
C VAL A 9 -1.05 7.22 7.94
N SER A 10 -0.11 7.66 7.06
CA SER A 10 1.11 8.33 7.54
C SER A 10 0.79 9.63 8.22
N SER A 11 -0.22 10.39 7.75
CA SER A 11 -0.61 11.61 8.50
C SER A 11 -1.17 11.21 9.85
N ALA A 12 -2.13 10.29 9.86
CA ALA A 12 -2.75 9.89 11.13
C ALA A 12 -1.69 9.38 12.11
N ASP A 13 -0.79 8.52 11.64
CA ASP A 13 0.21 7.93 12.52
C ASP A 13 1.24 8.94 13.05
N SER A 14 1.65 9.89 12.23
CA SER A 14 2.56 10.89 12.74
C SER A 14 1.92 11.78 13.80
N GLN A 15 0.61 11.90 13.83
CA GLN A 15 -0.06 12.64 14.89
C GLN A 15 -0.60 11.76 16.04
N GLY A 16 -0.22 10.47 16.07
CA GLY A 16 -0.70 9.54 17.10
C GLY A 16 -2.18 9.31 17.20
N ARG A 17 -2.89 9.41 16.09
CA ARG A 17 -4.34 9.35 16.15
C ARG A 17 -4.98 8.34 15.20
N PHE A 18 -6.24 8.08 15.45
CA PHE A 18 -7.07 7.26 14.58
C PHE A 18 -7.42 8.04 13.29
N LEU A 19 -7.83 7.32 12.25
CA LEU A 19 -8.11 7.93 10.96
C LEU A 19 -9.35 8.86 11.10
N SER A 20 -9.39 10.00 10.39
CA SER A 20 -10.57 10.91 10.43
C SER A 20 -11.60 10.58 9.35
N SER A 21 -12.84 11.11 9.51
CA SER A 21 -13.83 11.06 8.45
C SER A 21 -13.21 11.52 7.11
N THR A 22 -12.44 12.57 7.14
CA THR A 22 -11.74 13.05 5.93
C THR A 22 -10.82 12.03 5.23
N GLU A 23 -10.04 11.31 6.03
CA GLU A 23 -9.20 10.26 5.53
C GLU A 23 -10.02 9.10 5.02
N LEU A 24 -11.18 8.83 5.62
CA LEU A 24 -12.13 7.92 5.03
C LEU A 24 -12.68 8.33 3.67
N GLN A 25 -12.98 9.64 3.53
CA GLN A 25 -13.41 10.22 2.26
C GLN A 25 -12.30 10.20 1.21
N VAL A 26 -11.05 10.38 1.63
CA VAL A 26 -9.87 10.14 0.74
C VAL A 26 -9.97 8.70 0.11
N ALA A 27 -10.28 7.73 0.94
CA ALA A 27 -10.36 6.37 0.46
C ALA A 27 -11.50 6.22 -0.53
N PHE A 28 -12.69 6.74 -0.19
CA PHE A 28 -13.75 6.75 -1.21
C PHE A 28 -13.33 7.33 -2.53
N GLY A 29 -12.61 8.44 -2.50
CA GLY A 29 -12.11 9.09 -3.72
C GLY A 29 -11.20 8.18 -4.53
N ARG A 30 -10.28 7.55 -3.85
CA ARG A 30 -9.36 6.60 -4.46
C ARG A 30 -10.12 5.43 -5.07
N PHE A 31 -11.12 4.92 -4.34
CA PHE A 31 -11.89 3.77 -4.79
C PHE A 31 -12.85 4.07 -5.92
N ARG A 32 -13.34 5.30 -5.99
CA ARG A 32 -14.18 5.76 -7.12
C ARG A 32 -13.43 5.69 -8.50
N GLN A 33 -12.15 6.07 -8.53
CA GLN A 33 -11.35 5.99 -9.79
C GLN A 33 -10.72 4.62 -10.10
N ALA A 34 -10.64 3.74 -9.10
CA ALA A 34 -9.73 2.64 -9.17
C ALA A 34 -9.96 1.69 -10.33
N ALA A 35 -11.21 1.34 -10.61
CA ALA A 35 -11.55 0.29 -11.56
C ALA A 35 -11.19 0.65 -13.02
N ALA A 36 -11.37 1.92 -13.40
CA ALA A 36 -10.99 2.42 -14.73
C ALA A 36 -9.47 2.47 -14.88
N SER A 37 -8.77 2.75 -13.79
CA SER A 37 -7.31 2.72 -13.77
C SER A 37 -6.71 1.33 -13.80
N LEU A 38 -7.36 0.41 -13.10
CA LEU A 38 -6.98 -0.99 -13.17
C LEU A 38 -7.11 -1.51 -14.60
N ASP A 39 -8.23 -1.17 -15.27
CA ASP A 39 -8.44 -1.48 -16.70
C ASP A 39 -7.32 -0.92 -17.58
N ALA A 40 -6.94 0.33 -17.34
CA ALA A 40 -5.85 0.95 -18.08
C ALA A 40 -4.54 0.15 -17.96
N ALA A 41 -4.20 -0.28 -16.75
CA ALA A 41 -3.01 -1.11 -16.53
C ALA A 41 -3.02 -2.42 -17.34
N LYS A 42 -4.20 -3.05 -17.47
CA LYS A 42 -4.35 -4.28 -18.25
C LYS A 42 -4.08 -4.05 -19.72
N THR A 43 -4.58 -2.94 -20.27
CA THR A 43 -4.38 -2.66 -21.70
C THR A 43 -2.90 -2.32 -21.97
N LEU A 44 -2.25 -1.60 -21.06
CA LEU A 44 -0.80 -1.36 -21.17
C LEU A 44 0.03 -2.66 -21.18
N ASN A 45 -0.32 -3.63 -20.32
CA ASN A 45 0.30 -4.96 -20.35
C ASN A 45 0.17 -5.65 -21.74
N SER A 46 -1.04 -5.68 -22.30
CA SER A 46 -1.25 -6.35 -23.62
C SER A 46 -0.53 -5.67 -24.80
N LYS A 47 -0.14 -4.40 -24.65
CA LYS A 47 0.56 -3.64 -25.67
C LYS A 47 2.00 -3.28 -25.33
N ALA A 48 2.59 -3.92 -24.31
CA ALA A 48 3.88 -3.47 -23.79
C ALA A 48 5.01 -3.64 -24.79
N ASP A 49 5.20 -4.87 -25.31
CA ASP A 49 6.28 -5.15 -26.29
C ASP A 49 6.16 -4.27 -27.52
N SER A 50 4.92 -4.14 -28.02
CA SER A 50 4.60 -3.26 -29.13
C SER A 50 5.00 -1.82 -28.83
N LEU A 51 4.56 -1.29 -27.70
CA LEU A 51 4.86 0.10 -27.35
C LEU A 51 6.36 0.34 -27.17
N ALA A 52 7.05 -0.62 -26.56
CA ALA A 52 8.45 -0.48 -26.20
C ALA A 52 9.33 -0.38 -27.46
N ASP A 53 9.09 -1.26 -28.44
CA ASP A 53 9.77 -1.19 -29.77
C ASP A 53 9.47 0.10 -30.50
N GLY A 54 8.19 0.41 -30.62
CA GLY A 54 7.73 1.65 -31.24
C GLY A 54 8.40 2.87 -30.64
N ALA A 55 8.45 2.92 -29.31
CA ALA A 55 9.13 3.99 -28.58
C ALA A 55 10.63 4.03 -28.87
N ALA A 56 11.29 2.88 -28.81
CA ALA A 56 12.74 2.80 -29.05
C ALA A 56 13.10 3.18 -30.49
N ASN A 57 12.27 2.76 -31.45
CA ASN A 57 12.40 3.22 -32.84
C ASN A 57 12.30 4.74 -32.95
N ALA A 58 11.33 5.33 -32.26
CA ALA A 58 11.16 6.79 -32.27
C ALA A 58 12.37 7.54 -31.70
N VAL A 59 13.06 6.93 -30.74
CA VAL A 59 14.30 7.47 -30.18
C VAL A 59 15.45 7.38 -31.18
N TYR A 60 15.57 6.25 -31.87
CA TYR A 60 16.62 6.08 -32.89
C TYR A 60 16.43 7.04 -34.08
N GLN A 61 15.17 7.41 -34.41
CA GLN A 61 14.92 8.43 -35.47
C GLN A 61 15.43 9.79 -35.01
N LYS A 62 14.90 10.24 -33.87
CA LYS A 62 15.15 11.59 -33.36
C LYS A 62 16.64 11.82 -33.10
N PHE A 63 17.33 10.79 -32.60
CA PHE A 63 18.74 10.88 -32.25
C PHE A 63 19.53 9.79 -33.01
N PRO A 64 19.82 10.03 -34.32
CA PRO A 64 20.49 9.01 -35.16
C PRO A 64 21.89 8.62 -34.70
N TYR A 65 22.60 9.52 -34.02
CA TYR A 65 23.94 9.17 -33.47
C TYR A 65 23.92 7.98 -32.50
N THR A 66 22.80 7.76 -31.82
CA THR A 66 22.64 6.64 -30.87
C THR A 66 22.73 5.26 -31.55
N THR A 67 22.28 5.18 -32.81
CA THR A 67 22.44 3.94 -33.63
C THR A 67 23.85 3.76 -34.24
N GLN A 68 24.60 4.84 -34.45
CA GLN A 68 25.89 4.77 -35.18
C GLN A 68 27.19 4.88 -34.31
N MET A 69 27.20 5.76 -33.31
CA MET A 69 28.40 6.02 -32.49
C MET A 69 28.68 4.81 -31.65
N THR A 70 29.92 4.34 -31.61
CA THR A 70 30.21 3.13 -30.85
C THR A 70 30.52 3.52 -29.39
N GLY A 71 30.53 2.54 -28.51
CA GLY A 71 30.69 2.79 -27.08
C GLY A 71 29.54 2.22 -26.29
N SER A 72 29.86 1.80 -25.07
CA SER A 72 28.94 1.20 -24.08
C SER A 72 27.52 1.79 -24.04
N ASN A 73 27.44 3.11 -23.98
CA ASN A 73 26.18 3.79 -23.65
C ASN A 73 25.20 4.01 -24.83
N TYR A 74 25.51 3.43 -26.00
CA TYR A 74 24.74 3.65 -27.22
C TYR A 74 24.14 2.36 -27.77
N ALA A 75 23.10 2.53 -28.60
CA ALA A 75 22.43 1.41 -29.27
C ALA A 75 23.01 1.16 -30.67
N SER A 76 24.33 0.97 -30.75
CA SER A 76 25.02 0.67 -32.01
C SER A 76 25.25 -0.82 -32.23
N THR A 77 24.77 -1.64 -31.30
CA THR A 77 25.05 -3.06 -31.21
C THR A 77 23.71 -3.77 -30.94
N PRO A 78 23.63 -5.09 -31.18
CA PRO A 78 22.50 -5.89 -30.66
C PRO A 78 22.22 -5.71 -29.16
N GLU A 79 23.29 -5.62 -28.37
CA GLU A 79 23.25 -5.53 -26.91
C GLU A 79 22.81 -4.11 -26.49
N GLY A 80 23.30 -3.10 -27.19
CA GLY A 80 22.93 -1.72 -26.93
C GLY A 80 21.45 -1.45 -27.15
N LYS A 81 20.91 -1.95 -28.28
CA LYS A 81 19.47 -1.82 -28.58
C LYS A 81 18.60 -2.58 -27.59
N ALA A 82 19.10 -3.72 -27.13
CA ALA A 82 18.36 -4.58 -26.19
C ALA A 82 18.31 -3.97 -24.78
N LYS A 83 19.41 -3.31 -24.37
CA LYS A 83 19.44 -2.46 -23.17
C LYS A 83 18.46 -1.33 -23.30
N CYS A 84 18.44 -0.69 -24.47
CA CYS A 84 17.58 0.45 -24.65
C CYS A 84 16.09 0.09 -24.52
N VAL A 85 15.68 -0.97 -25.21
CA VAL A 85 14.27 -1.38 -25.20
C VAL A 85 13.86 -1.88 -23.82
N ARG A 86 14.80 -2.52 -23.12
CA ARG A 86 14.63 -2.92 -21.72
C ARG A 86 14.27 -1.71 -20.85
N ASP A 87 15.13 -0.68 -20.86
CA ASP A 87 14.86 0.56 -20.11
C ASP A 87 13.48 1.14 -20.43
N ILE A 88 13.09 1.15 -21.70
CA ILE A 88 11.78 1.66 -22.07
C ILE A 88 10.66 0.79 -21.49
N GLY A 89 10.88 -0.53 -21.47
CA GLY A 89 9.96 -1.48 -20.84
C GLY A 89 9.78 -1.24 -19.35
N TYR A 90 10.87 -0.90 -18.65
CA TYR A 90 10.81 -0.45 -17.26
C TYR A 90 9.94 0.80 -17.05
N TYR A 91 10.11 1.85 -17.84
CA TYR A 91 9.27 3.05 -17.68
C TYR A 91 7.82 2.68 -17.87
N LEU A 92 7.53 1.90 -18.91
CA LEU A 92 6.16 1.46 -19.20
C LEU A 92 5.55 0.58 -18.10
N ARG A 93 6.31 -0.39 -17.63
CA ARG A 93 5.85 -1.28 -16.57
C ARG A 93 5.58 -0.52 -15.26
N ILE A 94 6.52 0.33 -14.88
CA ILE A 94 6.44 1.14 -13.67
C ILE A 94 5.28 2.17 -13.76
N ILE A 95 5.08 2.78 -14.91
CA ILE A 95 3.85 3.56 -15.18
C ILE A 95 2.55 2.77 -14.98
N SER A 96 2.51 1.52 -15.42
CA SER A 96 1.31 0.70 -15.22
C SER A 96 1.06 0.47 -13.71
N TYR A 97 2.12 0.39 -12.94
CA TYR A 97 2.01 0.25 -11.49
C TYR A 97 1.37 1.46 -10.78
N CYS A 98 1.62 2.65 -11.33
CA CYS A 98 1.04 3.90 -10.84
C CYS A 98 -0.49 3.89 -11.04
N LEU A 99 -0.93 3.30 -12.14
CA LEU A 99 -2.36 3.14 -12.40
C LEU A 99 -2.99 2.15 -11.41
N ILE A 100 -2.23 1.12 -11.04
CA ILE A 100 -2.69 0.16 -10.09
C ILE A 100 -2.75 0.76 -8.70
N ALA A 101 -1.73 1.49 -8.32
CA ALA A 101 -1.58 2.03 -6.96
C ALA A 101 -2.36 3.35 -6.73
N GLY A 102 -2.80 4.02 -7.80
CA GLY A 102 -3.52 5.29 -7.68
C GLY A 102 -2.64 6.49 -7.34
N GLY A 103 -1.35 6.40 -7.62
CA GLY A 103 -0.46 7.51 -7.40
C GLY A 103 0.96 7.26 -7.91
N THR A 104 1.81 8.27 -7.74
CA THR A 104 3.17 8.21 -8.26
C THR A 104 4.15 7.34 -7.47
N GLY A 105 3.74 6.78 -6.33
CA GLY A 105 4.61 6.00 -5.45
C GLY A 105 5.54 5.03 -6.17
N PRO A 106 4.98 4.14 -7.03
CA PRO A 106 5.87 3.23 -7.74
C PRO A 106 6.90 3.97 -8.61
N LEU A 107 6.50 5.06 -9.23
CA LEU A 107 7.40 5.85 -10.06
C LEU A 107 8.52 6.43 -9.20
N ASP A 108 8.18 7.02 -8.05
CA ASP A 108 9.20 7.58 -7.12
C ASP A 108 10.17 6.53 -6.59
N ASP A 109 9.66 5.39 -6.15
CA ASP A 109 10.49 4.42 -5.46
C ASP A 109 11.31 3.53 -6.36
N TYR A 110 10.79 3.21 -7.53
CA TYR A 110 11.46 2.30 -8.43
C TYR A 110 12.30 2.99 -9.52
N LEU A 111 11.93 4.21 -9.93
CA LEU A 111 12.58 4.87 -11.05
C LEU A 111 13.14 6.28 -10.81
N ILE A 112 12.33 7.16 -10.22
CA ILE A 112 12.69 8.58 -10.15
C ILE A 112 13.75 8.85 -9.08
N ASN A 113 13.67 8.19 -7.94
CA ASN A 113 14.62 8.43 -6.88
C ASN A 113 15.98 7.77 -7.27
N GLY A 114 16.98 8.62 -7.50
CA GLY A 114 18.26 8.21 -8.02
C GLY A 114 18.45 8.32 -9.54
N LEU A 115 17.39 8.68 -10.27
CA LEU A 115 17.44 8.69 -11.73
C LEU A 115 18.60 9.54 -12.31
N ALA A 116 18.78 10.76 -11.80
CA ALA A 116 19.84 11.67 -12.26
C ALA A 116 21.22 11.01 -12.13
N GLU A 117 21.45 10.37 -10.98
CA GLU A 117 22.69 9.68 -10.64
C GLU A 117 22.94 8.54 -11.61
N ILE A 118 21.93 7.78 -11.95
CA ILE A 118 22.01 6.68 -12.91
C ILE A 118 22.36 7.22 -14.31
N ASN A 119 21.59 8.19 -14.79
CA ASN A 119 21.80 8.76 -16.11
C ASN A 119 23.22 9.41 -16.27
N ARG A 120 23.68 10.11 -15.23
CA ARG A 120 25.01 10.74 -15.22
C ARG A 120 26.10 9.66 -15.25
N THR A 121 26.04 8.74 -14.31
CA THR A 121 27.09 7.74 -14.19
C THR A 121 27.23 6.85 -15.45
N PHE A 122 26.11 6.45 -16.06
CA PHE A 122 26.15 5.60 -17.25
C PHE A 122 26.08 6.31 -18.61
N ASP A 123 26.19 7.64 -18.58
CA ASP A 123 26.24 8.51 -19.78
C ASP A 123 25.03 8.32 -20.69
N LEU A 124 23.86 8.26 -20.09
CA LEU A 124 22.61 8.14 -20.81
C LEU A 124 21.98 9.52 -20.80
N SER A 125 21.50 9.97 -21.94
CA SER A 125 20.89 11.28 -22.04
C SER A 125 19.42 11.22 -21.64
N PRO A 126 18.99 12.12 -20.71
CA PRO A 126 17.58 12.18 -20.32
C PRO A 126 16.61 12.46 -21.48
N SER A 127 17.05 13.28 -22.43
CA SER A 127 16.28 13.61 -23.63
C SER A 127 15.82 12.38 -24.43
N TRP A 128 16.60 11.29 -24.40
CA TRP A 128 16.26 10.03 -25.09
C TRP A 128 14.97 9.45 -24.54
N TYR A 129 14.93 9.33 -23.22
CA TYR A 129 13.80 8.76 -22.51
C TYR A 129 12.59 9.70 -22.58
N VAL A 130 12.85 11.01 -22.69
CA VAL A 130 11.77 12.00 -22.90
C VAL A 130 11.03 11.75 -24.23
N GLU A 131 11.78 11.50 -25.31
CA GLU A 131 11.22 11.13 -26.61
C GLU A 131 10.43 9.82 -26.56
N ALA A 132 11.02 8.79 -25.94
CA ALA A 132 10.35 7.50 -25.77
C ALA A 132 9.01 7.63 -25.07
N LEU A 133 8.98 8.48 -24.03
CA LEU A 133 7.75 8.74 -23.25
C LEU A 133 6.73 9.48 -24.11
N LYS A 134 7.22 10.36 -24.95
CA LYS A 134 6.34 11.10 -25.84
C LYS A 134 5.69 10.14 -26.80
N HIS A 135 6.43 9.18 -27.30
CA HIS A 135 5.85 8.18 -28.21
C HIS A 135 4.80 7.31 -27.52
N ILE A 136 5.10 6.87 -26.29
CA ILE A 136 4.16 6.08 -25.48
C ILE A 136 2.85 6.85 -25.28
N LYS A 137 2.97 8.12 -24.96
CA LYS A 137 1.83 8.98 -24.74
C LYS A 137 0.91 9.10 -25.94
N ALA A 138 1.48 9.11 -27.13
CA ALA A 138 0.75 9.24 -28.37
C ALA A 138 0.26 7.92 -28.96
N ASN A 139 0.60 6.77 -28.37
CA ASN A 139 0.17 5.46 -28.90
C ASN A 139 -0.42 4.46 -27.86
N HIS A 140 -0.61 4.85 -26.61
CA HIS A 140 -1.13 3.85 -25.71
C HIS A 140 -2.52 3.43 -26.11
N GLY A 141 -3.29 4.37 -26.62
CA GLY A 141 -4.56 4.04 -27.20
C GLY A 141 -5.63 3.97 -26.14
N LEU A 142 -5.40 4.72 -25.07
CA LEU A 142 -6.34 4.79 -23.97
C LEU A 142 -7.24 6.00 -24.14
N SER A 143 -8.44 5.93 -23.56
CA SER A 143 -9.41 7.03 -23.59
C SER A 143 -9.96 7.31 -22.19
N GLY A 144 -10.88 8.27 -22.08
CA GLY A 144 -11.48 8.63 -20.80
C GLY A 144 -10.49 9.14 -19.77
N ASP A 145 -10.83 8.97 -18.49
CA ASP A 145 -10.00 9.42 -17.38
C ASP A 145 -8.72 8.59 -17.22
N SER A 146 -8.77 7.35 -17.72
CA SER A 146 -7.61 6.44 -17.80
C SER A 146 -6.46 7.11 -18.55
N ALA A 147 -6.77 7.74 -19.67
CA ALA A 147 -5.80 8.50 -20.45
C ALA A 147 -5.25 9.72 -19.69
N VAL A 148 -6.12 10.43 -19.03
CA VAL A 148 -5.68 11.59 -18.33
C VAL A 148 -4.76 11.22 -17.22
N GLU A 149 -4.99 10.06 -16.61
CA GLU A 149 -4.14 9.59 -15.52
C GLU A 149 -2.86 9.09 -16.08
N ALA A 150 -2.95 8.10 -16.93
CA ALA A 150 -1.73 7.62 -17.58
C ALA A 150 -0.83 8.76 -18.05
N ASN A 151 -1.43 9.79 -18.66
CA ASN A 151 -0.67 10.93 -19.18
C ASN A 151 -0.05 11.79 -18.07
N SER A 152 -0.73 11.90 -16.93
CA SER A 152 -0.15 12.61 -15.77
C SER A 152 1.15 11.89 -15.31
N TYR A 153 1.12 10.56 -15.28
CA TYR A 153 2.31 9.75 -14.89
C TYR A 153 3.44 9.86 -15.90
N ILE A 154 3.08 9.88 -17.17
CA ILE A 154 4.06 10.09 -18.23
C ILE A 154 4.67 11.49 -18.12
N ASP A 155 3.82 12.51 -17.91
CA ASP A 155 4.30 13.91 -17.77
C ASP A 155 5.23 14.05 -16.53
N TYR A 156 4.82 13.43 -15.44
CA TYR A 156 5.61 13.42 -14.20
C TYR A 156 7.01 12.82 -14.42
N ALA A 157 7.09 11.75 -15.20
CA ALA A 157 8.38 11.15 -15.58
C ALA A 157 9.21 12.05 -16.51
N ILE A 158 8.59 12.64 -17.52
CA ILE A 158 9.28 13.61 -18.40
C ILE A 158 9.86 14.78 -17.58
N ASN A 159 9.07 15.30 -16.65
CA ASN A 159 9.48 16.40 -15.79
C ASN A 159 10.67 16.05 -14.88
N ALA A 160 10.71 14.83 -14.35
CA ALA A 160 11.88 14.35 -13.57
C ALA A 160 13.16 14.26 -14.42
N LEU A 161 13.00 13.96 -15.71
CA LEU A 161 14.14 13.89 -16.64
C LEU A 161 14.63 15.25 -17.14
N SER A 162 13.87 16.31 -16.95
CA SER A 162 14.20 17.64 -17.54
C SER A 162 14.98 18.58 -16.63
N MET B 1 5.51 1.54 4.14
CA MET B 1 4.43 0.54 4.21
C MET B 1 3.85 0.25 2.81
N LEU B 2 3.12 -0.85 2.73
CA LEU B 2 2.37 -1.25 1.54
C LEU B 2 0.87 -1.13 1.86
N ASP B 3 0.07 -0.86 0.83
CA ASP B 3 -1.39 -1.05 0.91
C ASP B 3 -1.69 -2.22 0.01
N ALA B 4 -2.96 -2.61 -0.12
CA ALA B 4 -3.27 -3.83 -0.89
C ALA B 4 -2.79 -3.74 -2.34
N PHE B 5 -2.85 -2.55 -2.90
CA PHE B 5 -2.46 -2.34 -4.30
C PHE B 5 -0.94 -2.37 -4.49
N THR B 6 -0.18 -1.68 -3.62
CA THR B 6 1.28 -1.68 -3.77
C THR B 6 1.90 -3.01 -3.33
N LYS B 7 1.20 -3.72 -2.46
CA LYS B 7 1.63 -5.08 -2.12
C LYS B 7 1.69 -5.96 -3.39
N VAL B 8 0.62 -5.90 -4.18
CA VAL B 8 0.55 -6.62 -5.46
C VAL B 8 1.61 -6.09 -6.43
N VAL B 9 1.74 -4.78 -6.54
CA VAL B 9 2.78 -4.18 -7.36
C VAL B 9 4.18 -4.69 -6.95
N SER B 10 4.55 -4.61 -5.67
CA SER B 10 5.92 -4.98 -5.28
C SER B 10 6.25 -6.44 -5.60
N GLN B 11 5.32 -7.36 -5.40
CA GLN B 11 5.51 -8.79 -5.81
C GLN B 11 5.72 -8.97 -7.30
N ALA B 12 4.96 -8.22 -8.11
CA ALA B 12 5.15 -8.19 -9.56
C ALA B 12 6.53 -7.61 -10.00
N ASP B 13 6.89 -6.45 -9.45
CA ASP B 13 8.16 -5.78 -9.77
C ASP B 13 9.36 -6.67 -9.49
N THR B 14 9.32 -7.38 -8.37
CA THR B 14 10.33 -8.39 -8.04
C THR B 14 10.54 -9.46 -9.12
N ARG B 15 9.47 -9.85 -9.81
CA ARG B 15 9.55 -10.77 -10.95
C ARG B 15 9.73 -10.08 -12.31
N GLY B 16 9.74 -8.76 -12.33
CA GLY B 16 9.91 -7.98 -13.55
C GLY B 16 8.64 -8.05 -14.39
N ALA B 17 7.50 -8.37 -13.78
CA ALA B 17 6.24 -8.63 -14.51
C ALA B 17 5.22 -7.53 -14.30
N TYR B 18 4.31 -7.41 -15.25
CA TYR B 18 3.12 -6.59 -15.10
C TYR B 18 2.24 -7.35 -14.14
N VAL B 19 1.41 -6.62 -13.42
CA VAL B 19 0.35 -7.26 -12.66
C VAL B 19 -0.54 -8.04 -13.64
N SER B 20 -0.78 -9.31 -13.34
CA SER B 20 -1.59 -10.20 -14.20
C SER B 20 -3.04 -9.74 -14.25
N ASP B 21 -3.77 -10.19 -15.27
CA ASP B 21 -5.22 -9.95 -15.34
C ASP B 21 -5.96 -10.49 -14.10
N ALA B 22 -5.54 -11.64 -13.61
CA ALA B 22 -6.17 -12.24 -12.44
C ALA B 22 -5.98 -11.35 -11.23
N GLU B 23 -4.74 -10.94 -10.95
CA GLU B 23 -4.45 -10.05 -9.79
C GLU B 23 -5.21 -8.71 -9.88
N VAL B 24 -5.32 -8.17 -11.09
CA VAL B 24 -6.11 -6.96 -11.34
C VAL B 24 -7.59 -7.17 -10.99
N ASP B 25 -8.12 -8.33 -11.36
CA ASP B 25 -9.53 -8.63 -11.09
C ASP B 25 -9.75 -8.84 -9.60
N ALA B 26 -8.80 -9.48 -8.94
CA ALA B 26 -8.83 -9.59 -7.49
C ALA B 26 -8.88 -8.21 -6.79
N LEU B 27 -8.07 -7.26 -7.23
CA LEU B 27 -8.13 -5.88 -6.69
C LEU B 27 -9.45 -5.10 -7.02
N LYS B 28 -9.94 -5.23 -8.24
CA LYS B 28 -11.31 -4.75 -8.61
C LYS B 28 -12.40 -5.22 -7.68
N ALA B 29 -12.39 -6.52 -7.39
CA ALA B 29 -13.29 -7.14 -6.42
C ALA B 29 -13.18 -6.50 -5.05
N MET B 30 -11.95 -6.24 -4.62
CA MET B 30 -11.71 -5.51 -3.37
C MET B 30 -12.22 -4.07 -3.45
N VAL B 31 -12.00 -3.42 -4.59
CA VAL B 31 -12.57 -2.07 -4.79
C VAL B 31 -14.14 -2.09 -4.66
N ALA B 32 -14.78 -3.14 -5.19
CA ALA B 32 -16.27 -3.22 -5.21
C ALA B 32 -16.83 -3.29 -3.81
N ASP B 33 -16.08 -3.94 -2.91
CA ASP B 33 -16.46 -4.08 -1.49
C ASP B 33 -15.95 -3.00 -0.55
N ALA B 34 -15.40 -1.94 -1.09
CA ALA B 34 -14.69 -1.00 -0.24
C ALA B 34 -15.52 -0.13 0.72
N ASN B 35 -16.79 0.11 0.40
CA ASN B 35 -17.65 0.77 1.39
C ASN B 35 -17.70 -0.01 2.72
N LYS B 36 -17.73 -1.32 2.64
CA LYS B 36 -17.86 -2.18 3.82
C LYS B 36 -16.60 -2.06 4.67
N ARG B 37 -15.44 -2.07 3.99
CA ARG B 37 -14.14 -1.87 4.59
C ARG B 37 -14.08 -0.58 5.38
N ILE B 38 -14.51 0.48 4.73
CA ILE B 38 -14.48 1.76 5.34
C ILE B 38 -15.50 1.89 6.50
N ASP B 39 -16.65 1.20 6.43
CA ASP B 39 -17.54 1.09 7.59
C ASP B 39 -16.87 0.45 8.79
N ALA B 40 -16.19 -0.66 8.56
CA ALA B 40 -15.47 -1.33 9.67
C ALA B 40 -14.44 -0.41 10.33
N VAL B 41 -13.61 0.24 9.53
CA VAL B 41 -12.65 1.23 10.08
C VAL B 41 -13.37 2.30 10.86
N ASN B 42 -14.45 2.84 10.28
CA ASN B 42 -15.24 3.90 10.96
C ASN B 42 -15.83 3.43 12.31
N ARG B 43 -16.41 2.26 12.31
CA ARG B 43 -17.14 1.75 13.46
C ARG B 43 -16.19 1.40 14.62
N ILE B 44 -15.09 0.73 14.30
CA ILE B 44 -14.05 0.39 15.28
C ILE B 44 -13.38 1.67 15.83
N THR B 45 -13.04 2.58 14.92
CA THR B 45 -12.44 3.84 15.28
C THR B 45 -13.36 4.60 16.22
N GLY B 46 -14.62 4.79 15.81
CA GLY B 46 -15.55 5.55 16.64
C GLY B 46 -15.96 4.86 17.94
N ASN B 47 -15.74 3.54 18.09
CA ASN B 47 -16.03 2.85 19.35
C ASN B 47 -14.76 2.38 20.07
N ALA B 48 -13.62 3.00 19.76
CA ALA B 48 -12.32 2.57 20.26
C ALA B 48 -12.26 2.48 21.78
N SER B 49 -12.72 3.51 22.47
CA SER B 49 -12.60 3.52 23.93
C SER B 49 -13.51 2.46 24.59
N THR B 50 -14.62 2.12 23.92
CA THR B 50 -15.55 1.11 24.41
C THR B 50 -14.97 -0.30 24.22
N ILE B 51 -14.38 -0.54 23.06
CA ILE B 51 -13.73 -1.82 22.73
C ILE B 51 -12.57 -2.06 23.72
N VAL B 52 -11.73 -1.03 23.99
CA VAL B 52 -10.63 -1.15 24.92
C VAL B 52 -11.15 -1.42 26.35
N ALA B 53 -12.09 -0.60 26.81
CA ALA B 53 -12.67 -0.71 28.17
C ALA B 53 -13.27 -2.10 28.41
N ASN B 54 -14.04 -2.59 27.44
CA ASN B 54 -14.72 -3.85 27.62
C ASN B 54 -13.77 -5.03 27.52
N ALA B 55 -12.78 -4.95 26.64
CA ALA B 55 -11.80 -6.01 26.51
C ALA B 55 -10.96 -6.11 27.80
N ALA B 56 -10.66 -4.95 28.40
CA ALA B 56 -9.86 -4.89 29.61
C ALA B 56 -10.62 -5.51 30.73
N ARG B 57 -11.92 -5.15 30.87
CA ARG B 57 -12.83 -5.78 31.86
C ARG B 57 -12.85 -7.30 31.75
N ALA B 58 -13.05 -7.78 30.52
CA ALA B 58 -13.11 -9.23 30.27
C ALA B 58 -11.74 -9.90 30.56
N LEU B 59 -10.63 -9.27 30.16
CA LEU B 59 -9.29 -9.82 30.45
C LEU B 59 -9.07 -9.96 31.95
N PHE B 60 -9.40 -8.93 32.71
CA PHE B 60 -9.15 -8.96 34.16
C PHE B 60 -10.13 -9.89 34.92
N ALA B 61 -11.36 -10.05 34.42
CA ALA B 61 -12.27 -11.04 34.99
C ALA B 61 -11.68 -12.46 34.82
N ASP B 62 -11.15 -12.72 33.63
CA ASP B 62 -10.50 -13.97 33.30
C ASP B 62 -9.15 -14.12 34.02
N GLN B 63 -8.41 -13.03 34.14
CA GLN B 63 -7.07 -13.03 34.77
C GLN B 63 -6.94 -11.97 35.88
N PRO B 64 -7.62 -12.19 37.03
CA PRO B 64 -7.60 -11.23 38.18
C PRO B 64 -6.23 -10.98 38.86
N GLN B 65 -5.33 -11.95 38.80
CA GLN B 65 -3.93 -11.79 39.28
C GLN B 65 -3.11 -10.70 38.56
N LEU B 66 -3.44 -10.37 37.31
CA LEU B 66 -2.79 -9.26 36.62
C LEU B 66 -2.90 -7.93 37.38
N CYS B 67 -4.04 -7.71 38.04
CA CYS B 67 -4.28 -6.45 38.75
C CYS B 67 -4.41 -6.58 40.25
N ALA B 68 -4.18 -7.75 40.84
CA ALA B 68 -4.00 -7.82 42.28
C ALA B 68 -2.60 -7.28 42.61
N PRO B 69 -2.33 -6.93 43.87
CA PRO B 69 -1.02 -6.37 44.14
C PRO B 69 0.13 -7.30 43.76
N GLY B 70 1.19 -6.71 43.20
CA GLY B 70 2.27 -7.46 42.61
C GLY B 70 2.01 -7.91 41.20
N GLY B 71 0.81 -7.75 40.67
CA GLY B 71 0.54 -8.08 39.27
C GLY B 71 1.10 -7.01 38.34
N ASN B 72 1.30 -7.36 37.07
CA ASN B 72 2.01 -6.50 36.17
C ASN B 72 1.08 -5.37 35.78
N ALA B 73 -0.57 -5.31 35.96
CA ALA B 73 -1.41 -4.16 35.70
C ALA B 73 -1.87 -3.45 36.98
N TYR B 74 -1.31 -3.86 38.12
CA TYR B 74 -1.57 -3.23 39.41
C TYR B 74 -0.82 -1.90 39.50
N THR B 75 -1.40 -0.95 40.24
CA THR B 75 -1.03 0.47 40.31
C THR B 75 -1.62 1.14 39.09
N SER B 76 -2.06 2.39 39.28
CA SER B 76 -2.66 3.19 38.21
C SER B 76 -1.68 3.41 37.04
N ARG B 77 -0.40 3.64 37.30
CA ARG B 77 0.55 3.85 36.21
C ARG B 77 0.64 2.64 35.26
N ARG B 78 0.74 1.42 35.83
CA ARG B 78 0.80 0.22 35.03
C ARG B 78 -0.54 -0.11 34.39
N MET B 79 -1.65 0.07 35.13
CA MET B 79 -2.96 -0.11 34.51
C MET B 79 -3.11 0.80 33.29
N ALA B 80 -2.72 2.07 33.45
CA ALA B 80 -2.84 3.04 32.37
C ALA B 80 -1.96 2.67 31.18
N ALA B 81 -0.77 2.17 31.46
CA ALA B 81 0.14 1.74 30.42
C ALA B 81 -0.46 0.56 29.64
N CYS B 82 -1.03 -0.40 30.34
CA CYS B 82 -1.73 -1.53 29.75
C CYS B 82 -2.90 -1.14 28.81
N LEU B 83 -3.80 -0.28 29.31
CA LEU B 83 -4.89 0.28 28.49
C LEU B 83 -4.37 1.01 27.28
N ARG B 84 -3.28 1.76 27.46
CA ARG B 84 -2.62 2.49 26.36
C ARG B 84 -2.08 1.52 25.30
N ASP B 85 -1.43 0.44 25.71
CA ASP B 85 -1.00 -0.56 24.74
C ASP B 85 -2.18 -1.17 23.95
N MET B 86 -3.27 -1.44 24.64
CA MET B 86 -4.45 -1.99 24.00
C MET B 86 -4.95 -1.00 22.94
N GLU B 87 -5.01 0.28 23.30
CA GLU B 87 -5.41 1.30 22.34
C GLU B 87 -4.48 1.43 21.15
N ILE B 88 -3.17 1.39 21.40
CA ILE B 88 -2.17 1.48 20.36
C ILE B 88 -2.28 0.32 19.36
N ILE B 89 -2.48 -0.90 19.85
CA ILE B 89 -2.60 -2.06 19.00
C ILE B 89 -3.89 -1.96 18.19
N LEU B 90 -4.97 -1.53 18.81
CA LEU B 90 -6.23 -1.33 18.09
C LEU B 90 -6.09 -0.27 17.00
N ARG B 91 -5.35 0.80 17.29
CA ARG B 91 -5.11 1.80 16.28
C ARG B 91 -4.34 1.26 15.05
N TYR B 92 -3.25 0.53 15.27
CA TYR B 92 -2.55 -0.10 14.13
C TYR B 92 -3.39 -1.11 13.39
N VAL B 93 -4.25 -1.83 14.09
CA VAL B 93 -5.17 -2.73 13.44
C VAL B 93 -6.11 -1.93 12.50
N THR B 94 -6.65 -0.78 12.94
CA THR B 94 -7.54 -0.02 12.09
C THR B 94 -6.76 0.42 10.88
N TYR B 95 -5.51 0.78 11.02
CA TYR B 95 -4.70 1.13 9.84
C TYR B 95 -4.53 -0.02 8.82
N ALA B 96 -4.33 -1.26 9.30
CA ALA B 96 -4.22 -2.37 8.42
C ALA B 96 -5.53 -2.62 7.69
N VAL B 97 -6.67 -2.44 8.35
CA VAL B 97 -7.97 -2.63 7.72
C VAL B 97 -8.19 -1.59 6.59
N TYR B 98 -7.88 -0.34 6.86
CA TYR B 98 -8.01 0.74 5.91
C TYR B 98 -7.14 0.50 4.64
N THR B 99 -5.87 0.12 4.81
CA THR B 99 -4.94 -0.05 3.68
C THR B 99 -5.16 -1.38 3.00
N GLY B 100 -5.74 -2.32 3.75
CA GLY B 100 -5.86 -3.69 3.32
C GLY B 100 -4.59 -4.44 3.30
N ASP B 101 -3.63 -4.06 4.14
CA ASP B 101 -2.38 -4.82 4.26
C ASP B 101 -1.87 -4.74 5.73
N ALA B 102 -1.28 -5.84 6.19
CA ALA B 102 -0.69 -5.95 7.51
C ALA B 102 0.60 -5.13 7.70
N SER B 103 1.27 -4.71 6.63
CA SER B 103 2.63 -4.18 6.77
C SER B 103 2.74 -3.01 7.72
N VAL B 104 1.79 -2.07 7.69
CA VAL B 104 1.83 -0.98 8.65
C VAL B 104 1.83 -1.49 10.14
N LEU B 105 1.01 -2.50 10.40
CA LEU B 105 0.86 -3.07 11.73
C LEU B 105 2.18 -3.82 12.13
N ASN B 106 2.73 -4.61 11.20
CA ASN B 106 3.95 -5.34 11.41
C ASN B 106 5.11 -4.38 11.63
N ASP B 107 5.26 -3.44 10.71
CA ASP B 107 6.44 -2.60 10.69
C ASP B 107 6.49 -1.61 11.82
N ARG B 108 5.37 -1.00 12.16
CA ARG B 108 5.38 0.08 13.13
C ARG B 108 4.93 -0.33 14.50
N CYS B 109 4.39 -1.53 14.67
CA CYS B 109 3.82 -1.91 15.98
C CYS B 109 4.37 -3.24 16.47
N LEU B 110 4.22 -4.31 15.69
CA LEU B 110 4.52 -5.65 16.19
C LEU B 110 5.97 -6.07 16.18
N ASN B 111 6.74 -5.66 15.18
CA ASN B 111 8.16 -6.02 15.10
C ASN B 111 8.94 -5.49 16.28
N GLY B 112 9.61 -6.38 16.99
CA GLY B 112 10.36 -5.98 18.17
C GLY B 112 9.53 -5.93 19.45
N LEU B 113 8.20 -6.09 19.37
CA LEU B 113 7.34 -5.91 20.56
C LEU B 113 7.50 -7.05 21.57
N ARG B 114 7.60 -8.29 21.11
CA ARG B 114 7.85 -9.42 21.99
C ARG B 114 9.10 -9.19 22.83
N GLU B 115 10.14 -8.67 22.18
CA GLU B 115 11.41 -8.40 22.83
C GLU B 115 11.30 -7.26 23.84
N THR B 116 10.53 -6.22 23.48
CA THR B 116 10.25 -5.15 24.41
C THR B 116 9.56 -5.62 25.69
N TYR B 117 8.56 -6.48 25.53
CA TYR B 117 7.84 -7.00 26.68
C TYR B 117 8.66 -7.91 27.60
N SER B 118 9.49 -8.75 27.02
CA SER B 118 10.32 -9.61 27.85
C SER B 118 11.38 -8.79 28.61
N ALA B 119 12.00 -7.83 27.97
CA ALA B 119 12.93 -6.93 28.69
C ALA B 119 12.22 -6.19 29.83
N LEU B 120 10.97 -5.81 29.63
CA LEU B 120 10.19 -5.15 30.68
C LEU B 120 9.65 -6.10 31.77
N GLY B 121 9.52 -7.40 31.49
CA GLY B 121 8.70 -8.31 32.32
C GLY B 121 7.16 -8.26 32.11
N VAL B 122 6.66 -7.65 31.05
CA VAL B 122 5.22 -7.67 30.73
C VAL B 122 4.88 -9.10 30.24
N PRO B 123 3.82 -9.75 30.77
CA PRO B 123 3.45 -11.11 30.33
C PRO B 123 2.77 -11.11 28.95
N GLY B 124 3.55 -11.44 27.93
CA GLY B 124 3.10 -11.44 26.55
C GLY B 124 1.86 -12.27 26.30
N GLY B 125 1.83 -13.47 26.89
CA GLY B 125 0.63 -14.33 26.89
C GLY B 125 -0.65 -13.61 27.31
N SER B 126 -0.57 -12.79 28.34
CA SER B 126 -1.74 -12.03 28.78
C SER B 126 -2.02 -10.86 27.85
N VAL B 127 -1.00 -10.23 27.25
CA VAL B 127 -1.26 -9.23 26.23
C VAL B 127 -2.04 -9.84 25.08
N ALA B 128 -1.64 -11.07 24.68
CA ALA B 128 -2.30 -11.79 23.59
C ALA B 128 -3.74 -12.04 23.92
N ALA B 129 -4.03 -12.43 25.16
CA ALA B 129 -5.42 -12.63 25.58
C ALA B 129 -6.23 -11.32 25.54
N GLY B 130 -5.60 -10.21 25.92
CA GLY B 130 -6.23 -8.89 25.80
C GLY B 130 -6.58 -8.47 24.37
N VAL B 131 -5.68 -8.80 23.43
CA VAL B 131 -5.89 -8.53 22.02
C VAL B 131 -7.06 -9.34 21.49
N GLN B 132 -7.17 -10.61 21.91
CA GLN B 132 -8.30 -11.44 21.52
C GLN B 132 -9.64 -10.96 22.03
N LYS B 133 -9.66 -10.41 23.23
CA LYS B 133 -10.86 -9.81 23.74
C LYS B 133 -11.18 -8.57 22.92
N MET B 134 -10.17 -7.80 22.50
CA MET B 134 -10.49 -6.64 21.63
C MET B 134 -11.05 -7.13 20.28
N LYS B 135 -10.51 -8.23 19.77
CA LYS B 135 -11.00 -8.78 18.51
C LYS B 135 -12.52 -9.04 18.60
N GLU B 136 -12.94 -9.72 19.65
CA GLU B 136 -14.35 -10.06 19.82
C GLU B 136 -15.23 -8.83 19.94
N ALA B 137 -14.82 -7.89 20.78
CA ALA B 137 -15.59 -6.66 20.92
C ALA B 137 -15.63 -5.91 19.60
N ALA B 138 -14.50 -5.84 18.89
CA ALA B 138 -14.41 -5.09 17.66
C ALA B 138 -15.23 -5.67 16.50
N ILE B 139 -15.20 -6.96 16.32
CA ILE B 139 -15.98 -7.61 15.28
C ILE B 139 -17.50 -7.54 15.54
N GLU B 140 -17.94 -7.68 16.79
CA GLU B 140 -19.35 -7.46 17.13
C GLU B 140 -19.78 -6.04 16.73
N ILE B 141 -18.95 -5.03 17.03
CA ILE B 141 -19.27 -3.69 16.67
C ILE B 141 -19.22 -3.48 15.14
N ALA B 142 -18.20 -4.01 14.49
CA ALA B 142 -18.04 -3.77 13.05
C ALA B 142 -19.13 -4.47 12.23
N ASN B 143 -19.59 -5.62 12.71
CA ASN B 143 -20.55 -6.41 11.98
C ASN B 143 -22.00 -6.28 12.49
N ASP B 144 -22.28 -5.21 13.22
CA ASP B 144 -23.62 -4.97 13.77
C ASP B 144 -24.54 -4.61 12.61
N PRO B 145 -25.68 -5.32 12.47
CA PRO B 145 -26.51 -5.08 11.31
C PRO B 145 -27.45 -3.88 11.45
N LYS B 146 -27.47 -3.21 12.56
CA LYS B 146 -28.33 -2.06 12.74
C LYS B 146 -27.72 -0.78 12.16
N GLY B 147 -28.56 0.08 11.59
CA GLY B 147 -28.14 1.43 11.12
C GLY B 147 -27.23 1.38 9.88
N ILE B 148 -27.34 0.34 9.05
CA ILE B 148 -26.43 0.14 7.92
C ILE B 148 -27.13 -0.63 6.79
N THR B 149 -26.72 -0.39 5.55
CA THR B 149 -27.33 -1.00 4.42
C THR B 149 -26.95 -2.49 4.52
N GLN B 150 -27.90 -3.34 4.25
CA GLN B 150 -27.77 -4.74 4.55
C GLN B 150 -26.93 -5.48 3.48
N GLY B 151 -26.03 -6.32 3.93
CA GLY B 151 -25.22 -7.14 3.03
C GLY B 151 -24.20 -7.96 3.78
N ASP B 152 -23.35 -8.61 3.00
CA ASP B 152 -22.41 -9.62 3.47
C ASP B 152 -20.97 -9.05 3.65
N CYS B 153 -20.52 -9.03 4.91
CA CYS B 153 -19.18 -8.56 5.22
C CYS B 153 -18.32 -9.71 5.76
N SER B 154 -18.65 -10.94 5.39
CA SER B 154 -17.98 -12.12 5.98
C SER B 154 -16.47 -12.13 5.76
N ASN B 155 -16.01 -11.95 4.52
CA ASN B 155 -14.58 -11.98 4.22
C ASN B 155 -13.83 -10.83 4.87
N LEU B 156 -14.42 -9.65 4.87
CA LEU B 156 -13.88 -8.53 5.56
C LEU B 156 -13.68 -8.78 7.10
N MET B 157 -14.67 -9.36 7.78
CA MET B 157 -14.53 -9.66 9.20
C MET B 157 -13.45 -10.72 9.46
N ALA B 158 -13.28 -11.64 8.54
CA ALA B 158 -12.23 -12.64 8.67
C ALA B 158 -10.83 -11.96 8.56
N GLU B 159 -10.73 -11.05 7.61
CA GLU B 159 -9.55 -10.21 7.44
C GLU B 159 -9.23 -9.38 8.71
N ILE B 160 -10.21 -8.70 9.27
CA ILE B 160 -10.06 -7.93 10.53
C ILE B 160 -9.55 -8.87 11.62
N GLY B 161 -10.23 -9.98 11.77
CA GLY B 161 -9.81 -11.01 12.67
C GLY B 161 -8.37 -11.42 12.49
N SER B 162 -7.91 -11.60 11.25
CA SER B 162 -6.53 -12.07 11.02
C SER B 162 -5.50 -11.00 11.50
N TYR B 163 -5.81 -9.71 11.44
CA TYR B 163 -4.93 -8.68 11.95
C TYR B 163 -4.83 -8.73 13.49
N PHE B 164 -5.96 -8.90 14.18
CA PHE B 164 -5.93 -9.13 15.62
C PHE B 164 -5.15 -10.38 15.94
N ASP B 165 -5.30 -11.45 15.16
CA ASP B 165 -4.58 -12.69 15.44
C ASP B 165 -3.06 -12.56 15.21
N LEU B 166 -2.68 -11.80 14.20
CA LEU B 166 -1.26 -11.47 13.99
C LEU B 166 -0.69 -10.73 15.23
N ALA B 167 -1.45 -9.79 15.79
CA ALA B 167 -0.98 -9.09 16.97
C ALA B 167 -0.83 -10.08 18.15
N SER B 168 -1.82 -10.94 18.35
CA SER B 168 -1.72 -12.00 19.37
C SER B 168 -0.52 -12.93 19.20
N SER B 169 -0.26 -13.37 17.98
CA SER B 169 0.90 -14.23 17.72
C SER B 169 2.24 -13.53 17.86
N ALA B 170 2.31 -12.22 17.61
CA ALA B 170 3.57 -11.49 17.67
C ALA B 170 4.08 -11.38 19.12
N VAL B 171 3.18 -11.41 20.10
CA VAL B 171 3.54 -11.25 21.53
C VAL B 171 3.26 -12.47 22.38
N GLY B 172 2.37 -13.34 21.93
CA GLY B 172 2.01 -14.53 22.70
C GLY B 172 2.93 -15.68 22.41
#